data_4MZX
#
_entry.id   4MZX
#
_cell.length_a   80.984
_cell.length_b   95.559
_cell.length_c   137.170
_cell.angle_alpha   90.00
_cell.angle_beta   90.00
_cell.angle_gamma   90.00
#
_symmetry.space_group_name_H-M   'I 2 2 2'
#
loop_
_entity.id
_entity.type
_entity.pdbx_description
1 polymer 'Benzoylformate decarboxlyase'
2 non-polymer 'CALCIUM ION'
3 non-polymer GLYCEROL
4 non-polymer '2-{3-[(4-AMINO-2-METHYLPYRIMIDIN-5-YL)METHYL]-4-METHYL-2-OXO-2,3-DIHYDRO-1,3-THIAZOL-5-YL}ETHYL TRIHYDROGEN DIPHOSPHATE'
5 non-polymer 'SODIUM ION'
6 water water
#
_entity_poly.entity_id   1
_entity_poly.type   'polypeptide(L)'
_entity_poly.pdbx_seq_one_letter_code
;MASVHGTTYELLRRQGIDTVFGNPGSNELPFLKDFPEDFRYILALQEACVVGIADGYAQASRKPAFINLHSAAGTGNAMG
ALSNAWNSHSPLIVTAGQQTRAMIGVEALLTNVDAANLPRPLVKWSYEPASAAEVPHAMSRAIHMASMAPQGPVYLSVPY
DDWDKDADPQSHHLFDRHVSSSVRLNDQDLDILVKALNSASNPAIVLGPDVDAANANADCVMLAERLKAPVWVAPSAPRC
PFPTRHPCFRGLMPAGIAAISQLLEGHDVVLVIGAPVFRYHQYDPGQYLKPGTRLISVTCDPLEAARAPMGDAIVADIGA
MASALANLVEESSRQLPTAAPEPAKVDQDAGRLHPETVFDTLNDMAPENAIYLNESLSTTAQMWQRLNMRNPGSYYFCAA
GGLGFALPAAIGVQLAEPERQVIAVIGDGSANYSISALWTAAQYNIPTIFVIMNNGTYGYLRWFAGVLEAENVPGLDVPG
IDFRALAKGYGVQALKADNLEQLKGSLQEALSAKGPVLIEVSTVSPVKRSHHHHHH
;
_entity_poly.pdbx_strand_id   A
#
loop_
_chem_comp.id
_chem_comp.type
_chem_comp.name
_chem_comp.formula
CA non-polymer 'CALCIUM ION' 'Ca 2'
GOL non-polymer GLYCEROL 'C3 H8 O3'
NA non-polymer 'SODIUM ION' 'Na 1'
TZD non-polymer '2-{3-[(4-AMINO-2-METHYLPYRIMIDIN-5-YL)METHYL]-4-METHYL-2-OXO-2,3-DIHYDRO-1,3-THIAZOL-5-YL}ETHYL TRIHYDROGEN DIPHOSPHATE' 'C12 H18 N4 O8 P2 S'
#
# COMPACT_ATOMS: atom_id res chain seq x y z
N ALA A 2 -15.29 16.00 31.45
CA ALA A 2 -14.14 15.66 30.60
C ALA A 2 -13.90 16.72 29.57
N SER A 3 -12.64 16.83 29.16
CA SER A 3 -12.30 17.73 28.05
C SER A 3 -12.41 17.02 26.73
N VAL A 4 -12.42 17.80 25.67
CA VAL A 4 -12.42 17.25 24.33
C VAL A 4 -11.16 16.39 24.12
N HIS A 5 -10.01 16.89 24.61
CA HIS A 5 -8.75 16.10 24.62
C HIS A 5 -8.94 14.72 25.26
N GLY A 6 -9.46 14.70 26.49
CA GLY A 6 -9.53 13.42 27.21
C GLY A 6 -10.52 12.47 26.51
N THR A 7 -11.64 13.04 26.08
CA THR A 7 -12.65 12.23 25.42
C THR A 7 -12.19 11.65 24.09
N THR A 8 -11.43 12.43 23.38
CA THR A 8 -10.98 12.00 22.06
C THR A 8 -9.93 10.89 22.19
N TYR A 9 -8.97 11.06 23.11
CA TYR A 9 -8.04 9.94 23.29
C TYR A 9 -8.74 8.69 23.82
N GLU A 10 -9.80 8.86 24.64
CA GLU A 10 -10.55 7.67 25.10
C GLU A 10 -11.22 6.99 23.93
N LEU A 11 -11.86 7.78 23.09
CA LEU A 11 -12.47 7.23 21.88
C LEU A 11 -11.43 6.47 21.02
N LEU A 12 -10.26 7.10 20.82
CA LEU A 12 -9.24 6.44 20.02
C LEU A 12 -8.83 5.09 20.66
N ARG A 13 -8.55 5.07 21.97
CA ARG A 13 -8.10 3.80 22.56
C ARG A 13 -9.23 2.75 22.55
N ARG A 14 -10.49 3.21 22.72
CA ARG A 14 -11.63 2.27 22.72
C ARG A 14 -11.87 1.68 21.34
N GLN A 15 -11.39 2.38 20.31
CA GLN A 15 -11.53 1.93 18.94
C GLN A 15 -10.22 1.27 18.43
N GLY A 16 -9.30 0.98 19.35
CA GLY A 16 -8.13 0.18 19.02
C GLY A 16 -6.91 0.97 18.55
N ILE A 17 -6.96 2.30 18.61
CA ILE A 17 -5.86 3.10 18.11
C ILE A 17 -4.95 3.46 19.26
N ASP A 18 -3.66 3.24 19.07
CA ASP A 18 -2.70 3.49 20.18
C ASP A 18 -1.40 4.13 19.73
N THR A 19 -1.34 4.48 18.45
CA THR A 19 -0.10 5.05 17.90
C THR A 19 -0.46 6.28 17.05
N VAL A 20 0.32 7.34 17.20
CA VAL A 20 0.15 8.55 16.40
C VAL A 20 1.42 8.71 15.55
N PHE A 21 1.27 8.72 14.24
CA PHE A 21 2.38 9.00 13.32
C PHE A 21 2.28 10.48 13.00
N GLY A 22 3.35 11.24 13.23
CA GLY A 22 3.18 12.68 13.19
C GLY A 22 4.43 13.46 12.82
N ASN A 23 4.21 14.70 12.38
CA ASN A 23 5.26 15.72 12.42
C ASN A 23 4.53 16.93 13.01
N PRO A 24 4.98 17.42 14.17
CA PRO A 24 4.20 18.36 14.96
C PRO A 24 4.33 19.81 14.52
N GLY A 25 3.36 20.62 14.94
CA GLY A 25 3.33 22.03 14.65
C GLY A 25 2.55 22.73 15.74
N SER A 26 2.53 24.06 15.70
CA SER A 26 1.96 24.82 16.81
C SER A 26 0.45 24.51 16.95
N ASN A 27 -0.26 24.27 15.83
CA ASN A 27 -1.72 24.03 15.94
C ASN A 27 -2.03 22.67 16.55
N GLU A 28 -1.02 21.80 16.68
CA GLU A 28 -1.22 20.48 17.21
C GLU A 28 -0.75 20.35 18.67
N LEU A 29 -0.04 21.36 19.18
CA LEU A 29 0.47 21.25 20.55
C LEU A 29 -0.61 21.00 21.59
N PRO A 30 -1.80 21.64 21.45
CA PRO A 30 -2.83 21.38 22.45
C PRO A 30 -3.44 19.98 22.36
N PHE A 31 -3.25 19.31 21.23
CA PHE A 31 -3.70 17.95 21.09
C PHE A 31 -2.63 17.00 21.66
N LEU A 32 -1.35 17.27 21.36
CA LEU A 32 -0.25 16.41 21.76
C LEU A 32 0.19 16.59 23.21
N LYS A 33 -0.15 17.72 23.83
CA LYS A 33 0.22 17.88 25.23
C LYS A 33 -0.42 16.82 26.14
N ASP A 34 0.22 16.56 27.27
CA ASP A 34 -0.31 15.53 28.18
C ASP A 34 -0.55 14.26 27.39
N PHE A 35 0.39 13.95 26.52
CA PHE A 35 0.22 12.78 25.63
C PHE A 35 0.02 11.52 26.47
N PRO A 36 -0.98 10.70 26.15
CA PRO A 36 -1.28 9.61 27.08
C PRO A 36 -0.16 8.58 27.14
N GLU A 37 0.08 8.04 28.34
N GLU A 37 0.08 8.02 28.33
CA GLU A 37 1.15 7.08 28.57
CA GLU A 37 1.20 7.11 28.51
C GLU A 37 1.02 5.81 27.73
C GLU A 37 1.03 5.76 27.79
N ASP A 38 -0.22 5.42 27.44
CA ASP A 38 -0.46 4.19 26.70
C ASP A 38 -0.35 4.36 25.19
N PHE A 39 -0.18 5.61 24.71
CA PHE A 39 0.02 5.85 23.31
C PHE A 39 1.50 5.97 22.98
N ARG A 40 1.83 5.75 21.72
N ARG A 40 1.81 5.68 21.72
CA ARG A 40 3.17 6.06 21.28
CA ARG A 40 3.13 5.92 21.14
C ARG A 40 3.14 6.98 20.07
C ARG A 40 3.03 7.10 20.16
N TYR A 41 4.11 7.86 20.02
CA TYR A 41 4.21 8.83 18.96
C TYR A 41 5.42 8.45 18.10
N ILE A 42 5.22 8.36 16.80
CA ILE A 42 6.33 8.05 15.89
C ILE A 42 6.55 9.28 15.03
N LEU A 43 7.68 9.95 15.26
CA LEU A 43 8.04 11.17 14.53
C LEU A 43 8.70 10.82 13.20
N ALA A 44 8.29 11.50 12.13
CA ALA A 44 9.08 11.53 10.91
C ALA A 44 9.33 12.99 10.52
N LEU A 45 10.36 13.20 9.71
CA LEU A 45 10.91 14.55 9.52
C LEU A 45 10.23 15.32 8.39
N GLN A 46 9.38 14.65 7.60
CA GLN A 46 8.63 15.34 6.53
C GLN A 46 7.34 14.56 6.34
N GLU A 47 6.27 15.24 5.91
CA GLU A 47 4.94 14.62 5.99
C GLU A 47 4.68 13.50 4.97
N ALA A 48 5.36 13.50 3.81
CA ALA A 48 5.25 12.33 2.92
C ALA A 48 5.76 11.11 3.66
N CYS A 49 6.77 11.34 4.50
CA CYS A 49 7.36 10.22 5.27
C CYS A 49 6.41 9.77 6.39
N VAL A 50 5.83 10.74 7.10
CA VAL A 50 4.87 10.41 8.13
C VAL A 50 3.75 9.53 7.54
N VAL A 51 3.15 9.99 6.44
CA VAL A 51 2.00 9.26 5.91
C VAL A 51 2.45 7.91 5.32
N GLY A 52 3.58 7.87 4.63
CA GLY A 52 4.12 6.62 4.11
C GLY A 52 4.31 5.57 5.20
N ILE A 53 4.92 5.97 6.31
CA ILE A 53 5.13 5.06 7.44
C ILE A 53 3.78 4.55 7.96
N ALA A 54 2.84 5.49 8.21
CA ALA A 54 1.52 5.11 8.70
C ALA A 54 0.81 4.18 7.72
N ASP A 55 1.00 4.43 6.42
CA ASP A 55 0.35 3.64 5.37
C ASP A 55 0.89 2.19 5.39
N GLY A 56 2.21 2.04 5.41
CA GLY A 56 2.79 0.69 5.51
C GLY A 56 2.30 -0.02 6.76
N TYR A 57 2.25 0.71 7.87
CA TYR A 57 1.78 0.16 9.13
C TYR A 57 0.30 -0.30 9.06
N ALA A 58 -0.55 0.54 8.46
CA ALA A 58 -1.99 0.18 8.32
C ALA A 58 -2.16 -1.02 7.38
N GLN A 59 -1.46 -1.00 6.24
CA GLN A 59 -1.64 -2.10 5.27
C GLN A 59 -1.18 -3.43 5.86
N ALA A 60 -0.03 -3.45 6.53
CA ALA A 60 0.48 -4.67 7.12
C ALA A 60 -0.32 -5.14 8.34
N SER A 61 -0.77 -4.20 9.17
CA SER A 61 -1.56 -4.54 10.36
C SER A 61 -3.02 -4.83 10.06
N ARG A 62 -3.47 -4.42 8.88
CA ARG A 62 -4.86 -4.60 8.50
C ARG A 62 -5.81 -3.89 9.47
N LYS A 63 -5.39 -2.69 9.89
CA LYS A 63 -6.20 -1.88 10.79
C LYS A 63 -5.87 -0.40 10.52
N PRO A 64 -6.76 0.49 10.97
CA PRO A 64 -6.52 1.92 10.68
C PRO A 64 -5.28 2.44 11.40
N ALA A 65 -4.61 3.39 10.75
CA ALA A 65 -3.50 4.11 11.35
C ALA A 65 -3.89 5.56 11.50
N PHE A 66 -3.38 6.15 12.58
CA PHE A 66 -3.73 7.52 12.94
C PHE A 66 -2.56 8.47 12.71
N ILE A 67 -2.83 9.58 12.01
CA ILE A 67 -1.79 10.53 11.59
C ILE A 67 -2.12 11.94 12.10
N ASN A 68 -1.12 12.69 12.50
CA ASN A 68 -1.33 14.09 12.92
C ASN A 68 -0.30 14.96 12.19
N LEU A 69 -0.81 15.88 11.37
CA LEU A 69 0.01 16.78 10.56
C LEU A 69 -0.30 18.23 10.91
N HIS A 70 0.54 19.13 10.42
CA HIS A 70 0.41 20.54 10.76
C HIS A 70 -0.25 21.36 9.63
N SER A 71 -1.53 21.70 9.86
CA SER A 71 -2.25 22.64 9.02
C SER A 71 -2.12 22.37 7.51
N ALA A 72 -2.15 23.44 6.70
CA ALA A 72 -2.17 23.26 5.26
C ALA A 72 -0.85 22.79 4.71
N ALA A 73 0.25 23.38 5.21
CA ALA A 73 1.56 23.03 4.63
C ALA A 73 1.92 21.56 4.92
N GLY A 74 1.63 21.10 6.15
CA GLY A 74 1.95 19.71 6.52
C GLY A 74 1.03 18.78 5.74
N THR A 75 -0.27 19.09 5.68
CA THR A 75 -1.18 18.26 4.86
C THR A 75 -0.73 18.26 3.41
N GLY A 76 -0.41 19.44 2.86
CA GLY A 76 0.00 19.51 1.46
C GLY A 76 1.25 18.67 1.19
N ASN A 77 2.24 18.72 2.10
CA ASN A 77 3.45 17.92 1.87
C ASN A 77 3.13 16.39 1.78
N ALA A 78 1.98 16.00 2.33
CA ALA A 78 1.59 14.57 2.36
C ALA A 78 0.70 14.15 1.20
N MET A 79 0.34 15.07 0.29
CA MET A 79 -0.74 14.74 -0.63
C MET A 79 -0.33 13.71 -1.69
N GLY A 80 0.95 13.68 -2.07
CA GLY A 80 1.38 12.60 -2.95
C GLY A 80 1.24 11.22 -2.25
N ALA A 81 1.59 11.16 -0.95
CA ALA A 81 1.42 9.94 -0.19
C ALA A 81 -0.06 9.55 -0.11
N LEU A 82 -0.93 10.56 0.00
CA LEU A 82 -2.36 10.27 0.04
C LEU A 82 -2.86 9.72 -1.27
N SER A 83 -2.25 10.12 -2.40
CA SER A 83 -2.67 9.54 -3.69
C SER A 83 -2.46 8.02 -3.67
N ASN A 84 -1.30 7.56 -3.12
CA ASN A 84 -1.09 6.09 -3.05
C ASN A 84 -2.15 5.45 -2.13
N ALA A 85 -2.37 6.08 -0.97
CA ALA A 85 -3.29 5.52 0.05
C ALA A 85 -4.70 5.35 -0.53
N TRP A 86 -5.10 6.30 -1.37
CA TRP A 86 -6.44 6.23 -1.99
C TRP A 86 -6.52 4.96 -2.86
N ASN A 87 -5.49 4.72 -3.69
CA ASN A 87 -5.51 3.58 -4.60
C ASN A 87 -5.32 2.23 -3.91
N SER A 88 -4.67 2.20 -2.74
CA SER A 88 -4.51 0.95 -2.01
C SER A 88 -5.62 0.74 -0.99
N HIS A 89 -6.64 1.62 -0.96
CA HIS A 89 -7.72 1.48 0.06
C HIS A 89 -7.13 1.45 1.49
N SER A 90 -6.12 2.29 1.75
CA SER A 90 -5.50 2.23 3.08
C SER A 90 -6.32 3.00 4.10
N PRO A 91 -6.66 2.38 5.25
CA PRO A 91 -7.51 3.05 6.24
C PRO A 91 -6.66 4.02 7.10
N LEU A 92 -6.56 5.25 6.61
CA LEU A 92 -5.73 6.26 7.28
C LEU A 92 -6.60 7.38 7.84
N ILE A 93 -6.43 7.67 9.12
CA ILE A 93 -7.17 8.77 9.74
C ILE A 93 -6.20 9.95 9.82
N VAL A 94 -6.32 10.89 8.89
CA VAL A 94 -5.39 12.02 8.85
C VAL A 94 -5.99 13.18 9.59
N THR A 95 -5.36 13.60 10.69
CA THR A 95 -5.83 14.79 11.40
C THR A 95 -4.82 15.91 11.20
N ALA A 96 -5.31 17.13 11.08
CA ALA A 96 -4.41 18.28 10.94
C ALA A 96 -4.89 19.39 11.84
N GLY A 97 -3.96 20.05 12.52
CA GLY A 97 -4.34 21.16 13.38
C GLY A 97 -4.63 22.43 12.62
N GLN A 98 -5.67 23.12 13.07
CA GLN A 98 -6.13 24.38 12.50
C GLN A 98 -5.83 25.50 13.51
N GLN A 99 -5.85 26.74 13.01
CA GLN A 99 -5.66 27.88 13.91
C GLN A 99 -6.80 27.91 14.94
N THR A 100 -6.56 28.66 16.00
CA THR A 100 -7.59 28.90 16.99
C THR A 100 -8.82 29.55 16.31
N ARG A 101 -10.04 29.19 16.75
CA ARG A 101 -11.25 29.67 16.04
C ARG A 101 -11.25 31.20 16.00
N ALA A 102 -10.72 31.87 17.03
CA ALA A 102 -10.76 33.35 17.01
C ALA A 102 -9.89 33.99 15.95
N MET A 103 -8.93 33.26 15.37
N MET A 103 -8.97 33.23 15.37
N MET A 103 -8.98 33.21 15.37
CA MET A 103 -8.13 33.87 14.30
CA MET A 103 -8.04 33.76 14.38
CA MET A 103 -8.02 33.72 14.40
C MET A 103 -8.28 33.23 12.92
C MET A 103 -8.22 33.19 12.96
C MET A 103 -8.25 33.23 12.97
N ILE A 104 -9.22 32.34 12.77
CA ILE A 104 -9.47 31.77 11.43
C ILE A 104 -9.95 32.82 10.44
N GLY A 105 -10.85 33.72 10.89
CA GLY A 105 -11.40 34.71 9.98
C GLY A 105 -10.39 35.66 9.38
N VAL A 106 -9.45 36.10 10.21
CA VAL A 106 -8.42 37.06 9.73
C VAL A 106 -7.35 36.33 8.87
N GLU A 107 -7.42 34.99 8.82
N GLU A 107 -7.37 35.00 8.90
CA GLU A 107 -6.38 34.17 8.17
CA GLU A 107 -6.41 34.21 8.16
C GLU A 107 -5.01 34.51 8.72
C GLU A 107 -5.01 34.45 8.72
N ALA A 108 -4.86 34.30 10.03
CA ALA A 108 -3.57 34.35 10.68
C ALA A 108 -2.67 33.30 10.02
N LEU A 109 -1.35 33.51 10.15
CA LEU A 109 -0.38 32.50 9.71
C LEU A 109 -0.80 31.13 10.24
N LEU A 110 -0.70 30.18 9.31
N LEU A 110 -0.70 30.10 9.41
CA LEU A 110 -1.02 28.74 9.48
CA LEU A 110 -1.02 28.71 9.81
C LEU A 110 -2.48 28.46 9.80
C LEU A 110 -2.51 28.40 9.76
N THR A 111 -3.32 29.38 9.34
CA THR A 111 -4.71 29.03 9.11
C THR A 111 -4.79 28.12 7.88
N ASN A 112 -5.53 27.02 8.01
CA ASN A 112 -5.75 26.10 6.89
C ASN A 112 -7.05 26.57 6.20
N VAL A 113 -6.89 27.34 5.12
CA VAL A 113 -8.04 27.95 4.50
C VAL A 113 -8.83 26.93 3.69
N ASP A 114 -10.16 26.93 3.83
N ASP A 114 -10.16 26.94 3.83
CA ASP A 114 -10.98 25.98 3.05
CA ASP A 114 -11.01 25.95 3.13
C ASP A 114 -10.47 24.54 3.30
C ASP A 114 -10.46 24.55 3.31
N ALA A 115 -10.15 24.25 4.56
CA ALA A 115 -9.38 23.06 4.93
C ALA A 115 -9.92 21.76 4.34
N ALA A 116 -11.24 21.56 4.44
CA ALA A 116 -11.80 20.26 4.00
C ALA A 116 -11.58 20.02 2.51
N ASN A 117 -11.44 21.10 1.74
CA ASN A 117 -11.21 20.94 0.30
C ASN A 117 -9.77 20.60 -0.07
N LEU A 118 -8.84 20.86 0.85
CA LEU A 118 -7.40 20.71 0.53
C LEU A 118 -7.03 19.27 0.07
N PRO A 119 -7.38 18.24 0.85
CA PRO A 119 -6.95 16.89 0.43
C PRO A 119 -7.87 16.24 -0.61
N ARG A 120 -8.98 16.88 -0.96
CA ARG A 120 -9.83 16.31 -2.02
C ARG A 120 -9.06 16.40 -3.34
N PRO A 121 -9.20 15.41 -4.24
CA PRO A 121 -10.14 14.29 -4.22
C PRO A 121 -9.56 12.98 -3.69
N LEU A 122 -8.56 13.06 -2.83
CA LEU A 122 -7.83 11.85 -2.44
C LEU A 122 -8.29 11.27 -1.09
N VAL A 123 -9.45 11.71 -0.59
CA VAL A 123 -9.94 11.16 0.70
C VAL A 123 -11.42 10.78 0.57
N LYS A 124 -11.85 9.82 1.39
CA LYS A 124 -13.26 9.34 1.37
C LYS A 124 -14.18 10.35 2.05
N TRP A 125 -13.62 11.11 2.98
CA TRP A 125 -14.39 12.00 3.85
C TRP A 125 -13.43 13.06 4.34
N SER A 126 -13.88 14.31 4.39
CA SER A 126 -12.99 15.40 4.76
C SER A 126 -13.85 16.44 5.47
N TYR A 127 -13.41 16.90 6.65
CA TYR A 127 -14.32 17.67 7.49
C TYR A 127 -13.60 18.54 8.51
N GLU A 128 -14.22 19.67 8.87
CA GLU A 128 -13.80 20.46 10.03
C GLU A 128 -15.02 20.70 10.90
N PRO A 129 -14.98 20.37 12.19
CA PRO A 129 -16.22 20.48 13.01
C PRO A 129 -16.61 21.93 13.27
N ALA A 130 -17.92 22.14 13.45
CA ALA A 130 -18.45 23.45 13.69
C ALA A 130 -18.34 23.95 15.16
N SER A 131 -17.89 23.08 16.07
CA SER A 131 -17.69 23.48 17.44
C SER A 131 -16.75 22.48 18.11
N ALA A 132 -16.17 22.91 19.24
CA ALA A 132 -15.26 22.02 19.97
C ALA A 132 -15.98 20.73 20.44
N ALA A 133 -17.21 20.86 20.95
CA ALA A 133 -17.89 19.68 21.53
C ALA A 133 -18.18 18.63 20.49
N GLU A 134 -18.20 19.04 19.22
CA GLU A 134 -18.43 18.11 18.12
C GLU A 134 -17.18 17.27 17.77
N VAL A 135 -16.01 17.69 18.25
CA VAL A 135 -14.77 17.01 17.84
C VAL A 135 -14.79 15.48 18.04
N PRO A 136 -15.21 14.98 19.22
CA PRO A 136 -15.19 13.51 19.38
C PRO A 136 -16.13 12.81 18.37
N HIS A 137 -17.32 13.37 18.14
CA HIS A 137 -18.20 12.77 17.13
C HIS A 137 -17.57 12.82 15.74
N ALA A 138 -16.87 13.93 15.41
CA ALA A 138 -16.23 14.03 14.10
C ALA A 138 -15.12 12.99 14.01
N MET A 139 -14.39 12.79 15.10
CA MET A 139 -13.34 11.77 15.12
C MET A 139 -13.95 10.37 14.96
N SER A 140 -15.09 10.12 15.61
CA SER A 140 -15.78 8.84 15.43
C SER A 140 -16.14 8.61 13.95
N ARG A 141 -16.69 9.65 13.32
CA ARG A 141 -16.99 9.58 11.89
C ARG A 141 -15.74 9.25 11.06
N ALA A 142 -14.61 9.92 11.38
CA ALA A 142 -13.36 9.69 10.64
C ALA A 142 -12.91 8.22 10.81
N ILE A 143 -12.97 7.70 12.05
CA ILE A 143 -12.52 6.32 12.30
C ILE A 143 -13.36 5.35 11.44
N HIS A 144 -14.68 5.53 11.48
CA HIS A 144 -15.53 4.57 10.77
C HIS A 144 -15.47 4.74 9.27
N MET A 145 -15.42 6.01 8.80
CA MET A 145 -15.29 6.20 7.35
C MET A 145 -13.98 5.59 6.83
N ALA A 146 -12.88 5.69 7.58
CA ALA A 146 -11.63 5.09 7.10
C ALA A 146 -11.74 3.56 7.06
N SER A 147 -12.48 3.01 8.03
CA SER A 147 -12.43 1.56 8.31
C SER A 147 -13.49 0.75 7.54
N MET A 148 -14.58 1.39 7.13
CA MET A 148 -15.63 0.66 6.35
C MET A 148 -15.16 0.40 4.92
N ALA A 149 -15.57 -0.73 4.36
CA ALA A 149 -15.31 -1.02 2.95
C ALA A 149 -16.02 0.00 2.06
N PRO A 150 -15.35 0.45 1.00
CA PRO A 150 -13.93 0.23 0.67
C PRO A 150 -13.09 1.15 1.54
N GLN A 151 -12.08 0.59 2.21
CA GLN A 151 -11.30 1.39 3.14
C GLN A 151 -10.56 2.49 2.43
N GLY A 152 -10.18 3.54 3.15
CA GLY A 152 -9.46 4.62 2.52
C GLY A 152 -9.15 5.74 3.47
N PRO A 153 -8.33 6.69 3.01
CA PRO A 153 -7.92 7.79 3.88
C PRO A 153 -9.05 8.80 4.07
N VAL A 154 -9.04 9.41 5.25
CA VAL A 154 -10.01 10.46 5.61
C VAL A 154 -9.26 11.60 6.26
N TYR A 155 -9.91 12.77 6.36
CA TYR A 155 -9.26 13.97 6.84
C TYR A 155 -10.13 14.76 7.81
N LEU A 156 -9.54 15.11 8.94
CA LEU A 156 -10.22 15.88 9.96
C LEU A 156 -9.36 17.07 10.40
N SER A 157 -9.88 18.28 10.28
CA SER A 157 -9.14 19.48 10.66
C SER A 157 -9.72 19.97 11.99
N VAL A 158 -8.87 20.23 12.97
CA VAL A 158 -9.36 20.64 14.30
C VAL A 158 -8.70 21.93 14.80
N PRO A 159 -9.51 22.99 14.98
CA PRO A 159 -8.97 24.22 15.58
C PRO A 159 -8.29 23.94 16.92
N TYR A 160 -7.14 24.58 17.14
CA TYR A 160 -6.36 24.15 18.30
C TYR A 160 -6.95 24.47 19.66
N ASP A 161 -7.86 25.44 19.70
CA ASP A 161 -8.48 25.80 20.96
C ASP A 161 -9.57 24.80 21.38
N ASP A 162 -9.97 23.87 20.48
CA ASP A 162 -11.06 22.96 20.82
C ASP A 162 -10.69 21.97 21.93
N TRP A 163 -9.42 21.55 21.96
CA TRP A 163 -9.02 20.44 22.83
C TRP A 163 -9.29 20.67 24.31
N ASP A 164 -9.12 21.90 24.78
CA ASP A 164 -9.28 22.18 26.21
C ASP A 164 -10.72 22.42 26.59
N LYS A 165 -11.62 22.49 25.62
CA LYS A 165 -13.03 22.76 25.95
C LYS A 165 -13.72 21.55 26.55
N ASP A 166 -14.86 21.79 27.21
CA ASP A 166 -15.61 20.69 27.80
C ASP A 166 -16.21 19.82 26.71
N ALA A 167 -16.10 18.50 26.89
CA ALA A 167 -16.73 17.58 25.98
C ALA A 167 -18.24 17.47 26.32
N ASP A 168 -19.02 17.09 25.35
CA ASP A 168 -20.43 16.70 25.59
C ASP A 168 -20.45 15.38 26.37
N PRO A 169 -21.18 15.31 27.50
CA PRO A 169 -21.25 14.05 28.25
C PRO A 169 -21.87 12.91 27.43
N GLN A 170 -22.69 13.24 26.43
CA GLN A 170 -23.27 12.18 25.60
C GLN A 170 -22.28 11.54 24.61
N SER A 171 -21.06 12.09 24.55
CA SER A 171 -20.01 11.50 23.69
C SER A 171 -19.63 10.09 24.09
N HIS A 172 -19.97 9.68 25.32
CA HIS A 172 -19.59 8.32 25.71
C HIS A 172 -20.22 7.25 24.82
N HIS A 173 -21.35 7.56 24.20
CA HIS A 173 -21.98 6.58 23.34
C HIS A 173 -21.14 6.28 22.10
N LEU A 174 -20.16 7.14 21.81
CA LEU A 174 -19.28 6.86 20.66
C LEU A 174 -18.29 5.75 20.94
N PHE A 175 -17.93 5.59 22.22
CA PHE A 175 -16.67 4.83 22.52
C PHE A 175 -16.66 3.40 21.96
N ASP A 176 -17.76 2.69 22.16
CA ASP A 176 -17.77 1.27 21.85
C ASP A 176 -18.57 0.89 20.60
N ARG A 177 -18.86 1.87 19.74
CA ARG A 177 -19.63 1.57 18.51
C ARG A 177 -18.87 0.53 17.69
N HIS A 178 -19.60 -0.50 17.26
CA HIS A 178 -19.06 -1.47 16.32
C HIS A 178 -19.79 -1.29 14.99
N VAL A 179 -19.02 -1.10 13.92
CA VAL A 179 -19.59 -0.88 12.60
C VAL A 179 -19.03 -1.92 11.65
N SER A 180 -19.92 -2.70 11.01
CA SER A 180 -19.48 -3.76 10.13
C SER A 180 -19.86 -3.55 8.69
N SER A 181 -18.92 -3.86 7.77
CA SER A 181 -19.21 -3.96 6.35
C SER A 181 -18.84 -5.36 5.86
N SER A 182 -18.90 -6.36 6.77
CA SER A 182 -18.47 -7.72 6.43
C SER A 182 -19.62 -8.49 5.80
N VAL A 183 -19.88 -8.16 4.54
CA VAL A 183 -21.07 -8.62 3.84
C VAL A 183 -20.76 -9.43 2.59
N ARG A 184 -21.72 -10.28 2.20
CA ARG A 184 -21.54 -11.04 0.98
C ARG A 184 -22.86 -11.16 0.22
N LEU A 185 -22.74 -11.55 -1.04
CA LEU A 185 -23.88 -11.64 -1.94
C LEU A 185 -24.96 -12.56 -1.32
N ASN A 186 -26.23 -12.15 -1.43
CA ASN A 186 -27.35 -12.96 -0.95
C ASN A 186 -27.30 -14.41 -1.50
N ASP A 187 -27.90 -15.33 -0.74
CA ASP A 187 -27.83 -16.76 -1.05
C ASP A 187 -28.26 -17.11 -2.48
N GLN A 188 -29.40 -16.60 -2.92
CA GLN A 188 -29.91 -16.97 -4.24
C GLN A 188 -28.92 -16.58 -5.36
N ASP A 189 -28.41 -15.35 -5.30
CA ASP A 189 -27.48 -14.91 -6.35
C ASP A 189 -26.09 -15.51 -6.18
N LEU A 190 -25.73 -15.80 -4.93
CA LEU A 190 -24.43 -16.47 -4.70
C LEU A 190 -24.52 -17.89 -5.30
N ASP A 191 -25.67 -18.57 -5.14
CA ASP A 191 -25.80 -19.89 -5.74
C ASP A 191 -25.68 -19.83 -7.26
N ILE A 192 -26.24 -18.79 -7.87
CA ILE A 192 -26.10 -18.60 -9.31
C ILE A 192 -24.63 -18.43 -9.72
N LEU A 193 -23.90 -17.59 -8.97
CA LEU A 193 -22.47 -17.39 -9.24
C LEU A 193 -21.71 -18.71 -9.11
N VAL A 194 -21.95 -19.43 -8.03
CA VAL A 194 -21.26 -20.71 -7.80
C VAL A 194 -21.54 -21.68 -8.96
N LYS A 195 -22.79 -21.74 -9.40
CA LYS A 195 -23.12 -22.60 -10.54
C LYS A 195 -22.39 -22.22 -11.82
N ALA A 196 -22.20 -20.91 -12.04
CA ALA A 196 -21.46 -20.45 -13.21
C ALA A 196 -19.98 -20.87 -13.09
N LEU A 197 -19.43 -20.80 -11.90
CA LEU A 197 -18.04 -21.21 -11.73
C LEU A 197 -17.93 -22.72 -11.91
N ASN A 198 -18.87 -23.47 -11.32
CA ASN A 198 -18.82 -24.94 -11.41
C ASN A 198 -18.97 -25.42 -12.85
N SER A 199 -19.67 -24.63 -13.65
N SER A 199 -19.67 -24.65 -13.67
CA SER A 199 -19.99 -25.01 -15.02
CA SER A 199 -19.93 -25.10 -15.04
C SER A 199 -18.93 -24.60 -16.03
C SER A 199 -19.03 -24.45 -16.08
N ALA A 200 -18.03 -23.68 -15.62
CA ALA A 200 -17.03 -23.15 -16.54
C ALA A 200 -16.14 -24.29 -17.05
N SER A 201 -15.78 -24.25 -18.33
CA SER A 201 -14.91 -25.28 -18.89
C SER A 201 -13.43 -24.94 -18.76
N ASN A 202 -13.12 -23.65 -18.66
CA ASN A 202 -11.71 -23.23 -18.56
C ASN A 202 -11.63 -21.89 -17.80
N PRO A 203 -12.02 -21.90 -16.51
CA PRO A 203 -12.01 -20.66 -15.72
C PRO A 203 -10.58 -20.14 -15.47
N ALA A 204 -10.48 -18.83 -15.28
CA ALA A 204 -9.26 -18.20 -14.82
C ALA A 204 -9.63 -17.33 -13.65
N ILE A 205 -8.65 -17.09 -12.78
CA ILE A 205 -8.85 -16.20 -11.62
C ILE A 205 -7.84 -15.07 -11.67
N VAL A 206 -8.28 -13.85 -11.41
CA VAL A 206 -7.40 -12.69 -11.33
C VAL A 206 -7.59 -12.05 -9.97
N LEU A 207 -6.50 -11.84 -9.22
CA LEU A 207 -6.61 -11.34 -7.84
C LEU A 207 -5.91 -10.00 -7.70
N GLY A 208 -6.52 -9.09 -6.94
CA GLY A 208 -5.91 -7.81 -6.63
C GLY A 208 -5.61 -7.55 -5.18
N PRO A 209 -5.29 -6.30 -4.85
CA PRO A 209 -4.66 -6.03 -3.54
C PRO A 209 -5.65 -6.22 -2.42
N ASP A 210 -6.95 -6.05 -2.69
CA ASP A 210 -7.91 -6.19 -1.61
C ASP A 210 -8.04 -7.61 -1.08
N VAL A 211 -7.55 -8.58 -1.86
CA VAL A 211 -7.46 -9.95 -1.34
C VAL A 211 -6.43 -10.00 -0.21
N ASP A 212 -5.24 -9.43 -0.41
CA ASP A 212 -4.23 -9.46 0.63
C ASP A 212 -4.66 -8.58 1.81
N ALA A 213 -5.30 -7.44 1.54
CA ALA A 213 -5.76 -6.59 2.63
C ALA A 213 -6.74 -7.38 3.52
N ALA A 214 -7.58 -8.21 2.88
CA ALA A 214 -8.60 -8.97 3.62
C ALA A 214 -8.03 -10.25 4.26
N ASN A 215 -6.75 -10.55 4.00
CA ASN A 215 -6.17 -11.86 4.35
C ASN A 215 -7.03 -12.98 3.79
N ALA A 216 -7.49 -12.76 2.56
CA ALA A 216 -8.30 -13.74 1.83
C ALA A 216 -7.43 -14.68 0.99
N ASN A 217 -6.10 -14.54 1.13
CA ASN A 217 -5.17 -15.30 0.30
C ASN A 217 -5.39 -16.82 0.38
N ALA A 218 -5.47 -17.34 1.60
CA ALA A 218 -5.63 -18.80 1.74
C ALA A 218 -6.95 -19.28 1.17
N ASP A 219 -8.01 -18.48 1.34
CA ASP A 219 -9.28 -18.87 0.72
C ASP A 219 -9.18 -18.86 -0.80
N CYS A 220 -8.44 -17.91 -1.36
CA CYS A 220 -8.26 -17.87 -2.82
C CYS A 220 -7.43 -19.03 -3.32
N VAL A 221 -6.44 -19.48 -2.53
CA VAL A 221 -5.75 -20.74 -2.83
C VAL A 221 -6.72 -21.91 -2.92
N MET A 222 -7.62 -22.03 -1.93
CA MET A 222 -8.58 -23.13 -1.90
C MET A 222 -9.51 -23.05 -3.12
N LEU A 223 -9.94 -21.81 -3.41
CA LEU A 223 -10.81 -21.58 -4.56
C LEU A 223 -10.12 -22.00 -5.86
N ALA A 224 -8.88 -21.59 -6.07
CA ALA A 224 -8.13 -21.93 -7.28
C ALA A 224 -7.90 -23.44 -7.39
N GLU A 225 -7.65 -24.09 -6.26
CA GLU A 225 -7.43 -25.53 -6.28
C GLU A 225 -8.71 -26.27 -6.63
N ARG A 226 -9.84 -25.81 -6.09
CA ARG A 226 -11.12 -26.50 -6.36
C ARG A 226 -11.46 -26.32 -7.83
N LEU A 227 -11.32 -25.08 -8.34
CA LEU A 227 -11.66 -24.81 -9.74
C LEU A 227 -10.60 -25.28 -10.72
N LYS A 228 -9.43 -25.68 -10.21
CA LYS A 228 -8.30 -26.12 -11.04
C LYS A 228 -7.95 -25.00 -12.01
N ALA A 229 -7.86 -23.77 -11.49
CA ALA A 229 -7.79 -22.62 -12.35
C ALA A 229 -6.47 -21.89 -12.20
N PRO A 230 -5.92 -21.40 -13.32
CA PRO A 230 -4.75 -20.53 -13.22
C PRO A 230 -5.11 -19.23 -12.52
N VAL A 231 -4.13 -18.65 -11.82
CA VAL A 231 -4.32 -17.41 -11.06
C VAL A 231 -3.31 -16.39 -11.46
N TRP A 232 -3.80 -15.21 -11.83
N TRP A 232 -3.78 -15.22 -11.89
CA TRP A 232 -2.97 -14.07 -12.17
CA TRP A 232 -2.93 -14.07 -12.17
C TRP A 232 -3.13 -12.98 -11.14
C TRP A 232 -3.14 -12.97 -11.16
N VAL A 233 -2.15 -12.10 -11.01
CA VAL A 233 -2.31 -10.91 -10.20
C VAL A 233 -2.64 -9.76 -11.12
N ALA A 234 -3.68 -8.97 -10.77
CA ALA A 234 -4.12 -7.85 -11.60
C ALA A 234 -2.96 -6.83 -11.75
N PRO A 235 -2.95 -6.10 -12.87
CA PRO A 235 -1.78 -5.24 -13.18
C PRO A 235 -1.53 -4.08 -12.21
N SER A 236 -0.29 -3.60 -12.20
CA SER A 236 0.09 -2.46 -11.36
C SER A 236 -0.13 -2.83 -9.90
N ALA A 237 0.18 -4.08 -9.56
CA ALA A 237 -0.20 -4.66 -8.29
C ALA A 237 0.34 -3.97 -7.04
N PRO A 238 -0.52 -3.45 -6.14
CA PRO A 238 0.02 -2.84 -4.91
C PRO A 238 0.42 -3.87 -3.84
N ARG A 239 -0.11 -5.10 -3.93
CA ARG A 239 0.16 -6.14 -2.92
C ARG A 239 0.27 -7.50 -3.60
N CYS A 240 0.71 -8.50 -2.88
CA CYS A 240 0.73 -9.85 -3.42
C CYS A 240 -0.38 -10.72 -2.76
N PRO A 241 -1.34 -11.21 -3.57
CA PRO A 241 -2.52 -11.87 -3.01
C PRO A 241 -2.46 -13.42 -3.09
N PHE A 242 -1.31 -13.99 -3.45
CA PHE A 242 -1.26 -15.43 -3.72
C PHE A 242 0.15 -15.94 -3.59
N PRO A 243 0.33 -17.20 -3.13
CA PRO A 243 1.71 -17.72 -3.02
C PRO A 243 2.30 -17.85 -4.44
N THR A 244 3.48 -17.23 -4.65
CA THR A 244 3.96 -17.10 -6.03
C THR A 244 4.61 -18.37 -6.59
N ARG A 245 4.75 -19.41 -5.78
CA ARG A 245 5.24 -20.67 -6.30
C ARG A 245 4.17 -21.77 -6.19
N HIS A 246 2.93 -21.38 -5.87
CA HIS A 246 1.82 -22.36 -5.95
C HIS A 246 1.63 -22.78 -7.41
N PRO A 247 1.25 -24.05 -7.65
CA PRO A 247 1.12 -24.55 -9.02
C PRO A 247 0.14 -23.74 -9.92
N CYS A 248 -0.88 -23.11 -9.32
CA CYS A 248 -1.84 -22.33 -10.12
C CYS A 248 -1.28 -20.96 -10.51
N PHE A 249 -0.24 -20.50 -9.82
CA PHE A 249 0.16 -19.08 -10.01
C PHE A 249 0.75 -18.85 -11.41
N ARG A 250 0.29 -17.77 -12.04
CA ARG A 250 0.77 -17.42 -13.37
C ARG A 250 1.44 -16.04 -13.46
N GLY A 251 1.55 -15.31 -12.35
CA GLY A 251 2.34 -14.11 -12.37
C GLY A 251 1.55 -12.84 -12.48
N LEU A 252 2.26 -11.75 -12.63
CA LEU A 252 1.69 -10.42 -12.71
C LEU A 252 1.24 -10.17 -14.15
N MET A 253 0.00 -9.68 -14.34
CA MET A 253 -0.46 -9.37 -15.69
C MET A 253 0.24 -8.09 -16.20
N PRO A 254 0.58 -8.07 -17.49
CA PRO A 254 1.03 -6.81 -18.15
C PRO A 254 -0.08 -5.77 -18.07
N ALA A 255 0.30 -4.50 -17.87
CA ALA A 255 -0.68 -3.45 -17.64
C ALA A 255 -1.21 -2.85 -18.96
N GLY A 256 -1.71 -3.69 -19.87
CA GLY A 256 -2.16 -3.24 -21.18
C GLY A 256 -3.46 -3.93 -21.57
N ILE A 257 -4.35 -3.18 -22.24
CA ILE A 257 -5.64 -3.71 -22.66
C ILE A 257 -5.52 -4.95 -23.57
N ALA A 258 -4.79 -4.80 -24.68
CA ALA A 258 -4.63 -5.91 -25.64
C ALA A 258 -3.89 -7.09 -24.99
N ALA A 259 -2.86 -6.78 -24.19
CA ALA A 259 -2.06 -7.84 -23.60
C ALA A 259 -2.95 -8.72 -22.71
N ILE A 260 -3.82 -8.07 -21.94
CA ILE A 260 -4.67 -8.82 -21.01
C ILE A 260 -5.74 -9.63 -21.74
N SER A 261 -6.37 -9.05 -22.76
CA SER A 261 -7.37 -9.85 -23.45
C SER A 261 -6.72 -11.05 -24.14
N GLN A 262 -5.49 -10.87 -24.63
CA GLN A 262 -4.78 -11.99 -25.26
C GLN A 262 -4.48 -13.11 -24.22
N LEU A 263 -4.06 -12.70 -23.02
CA LEU A 263 -3.72 -13.65 -21.97
C LEU A 263 -4.97 -14.44 -21.56
N LEU A 264 -6.11 -13.75 -21.53
CA LEU A 264 -7.35 -14.39 -21.11
C LEU A 264 -8.06 -15.16 -22.20
N GLU A 265 -7.58 -15.07 -23.45
CA GLU A 265 -8.26 -15.73 -24.57
C GLU A 265 -8.38 -17.23 -24.35
N GLY A 266 -9.58 -17.78 -24.60
CA GLY A 266 -9.79 -19.20 -24.42
C GLY A 266 -10.29 -19.51 -23.04
N HIS A 267 -10.19 -18.56 -22.09
CA HIS A 267 -10.83 -18.75 -20.79
C HIS A 267 -12.30 -18.29 -20.88
N ASP A 268 -13.22 -19.20 -20.56
CA ASP A 268 -14.63 -18.86 -20.72
C ASP A 268 -15.20 -17.96 -19.63
N VAL A 269 -14.73 -18.13 -18.40
CA VAL A 269 -15.15 -17.29 -17.31
C VAL A 269 -13.93 -16.85 -16.57
N VAL A 270 -13.76 -15.53 -16.42
CA VAL A 270 -12.63 -14.95 -15.69
C VAL A 270 -13.25 -14.31 -14.44
N LEU A 271 -12.85 -14.80 -13.27
CA LEU A 271 -13.32 -14.26 -12.00
C LEU A 271 -12.23 -13.36 -11.44
N VAL A 272 -12.54 -12.08 -11.33
CA VAL A 272 -11.62 -11.12 -10.76
C VAL A 272 -12.05 -10.84 -9.33
N ILE A 273 -11.12 -10.88 -8.35
CA ILE A 273 -11.48 -10.67 -6.96
C ILE A 273 -10.55 -9.60 -6.38
N GLY A 274 -11.12 -8.52 -5.85
CA GLY A 274 -10.36 -7.55 -5.06
C GLY A 274 -9.42 -6.68 -5.89
N ALA A 275 -9.77 -6.42 -7.15
CA ALA A 275 -8.98 -5.57 -8.05
C ALA A 275 -9.90 -4.65 -8.85
N PRO A 276 -9.37 -3.49 -9.25
CA PRO A 276 -10.04 -2.74 -10.32
C PRO A 276 -9.94 -3.55 -11.60
N VAL A 277 -10.89 -3.30 -12.50
CA VAL A 277 -10.84 -3.91 -13.82
C VAL A 277 -10.61 -2.82 -14.89
N PHE A 278 -9.39 -2.64 -15.40
CA PHE A 278 -8.11 -3.07 -14.77
C PHE A 278 -7.23 -1.84 -14.61
N ARG A 279 -6.22 -1.92 -13.75
CA ARG A 279 -5.24 -0.84 -13.59
C ARG A 279 -4.17 -0.91 -14.68
N TYR A 280 -4.60 -0.65 -15.91
CA TYR A 280 -3.67 -0.57 -17.03
C TYR A 280 -2.69 0.62 -16.83
N HIS A 281 -1.55 0.59 -17.54
CA HIS A 281 -0.64 1.75 -17.44
C HIS A 281 -0.30 2.27 -18.84
N GLN A 282 0.55 1.53 -19.57
CA GLN A 282 0.83 1.79 -20.96
C GLN A 282 -0.44 1.72 -21.81
N TYR A 283 -0.44 2.47 -22.89
CA TYR A 283 -1.59 2.44 -23.78
C TYR A 283 -1.33 1.33 -24.83
N ASP A 284 -2.20 0.33 -24.86
CA ASP A 284 -2.02 -0.92 -25.61
C ASP A 284 -3.41 -1.27 -26.15
N PRO A 285 -3.92 -0.47 -27.11
CA PRO A 285 -5.34 -0.58 -27.48
C PRO A 285 -5.67 -1.91 -28.15
N GLY A 286 -6.91 -2.34 -27.93
CA GLY A 286 -7.40 -3.59 -28.49
C GLY A 286 -8.75 -3.94 -27.92
N GLN A 287 -9.06 -5.22 -27.93
CA GLN A 287 -10.30 -5.70 -27.31
C GLN A 287 -10.15 -5.80 -25.80
N TYR A 288 -11.17 -5.38 -25.08
CA TYR A 288 -11.09 -5.53 -23.60
C TYR A 288 -11.09 -7.01 -23.23
N LEU A 289 -11.86 -7.79 -23.96
CA LEU A 289 -11.88 -9.27 -23.82
C LEU A 289 -12.09 -9.81 -25.21
N LYS A 290 -11.54 -10.99 -25.47
CA LYS A 290 -11.81 -11.68 -26.73
C LYS A 290 -13.15 -12.40 -26.69
N PRO A 291 -13.73 -12.62 -27.88
CA PRO A 291 -14.94 -13.43 -27.93
C PRO A 291 -14.75 -14.77 -27.23
N GLY A 292 -15.77 -15.16 -26.48
CA GLY A 292 -15.71 -16.42 -25.76
C GLY A 292 -15.33 -16.27 -24.31
N THR A 293 -14.83 -15.09 -23.94
CA THR A 293 -14.49 -14.80 -22.55
C THR A 293 -15.51 -13.88 -21.93
N ARG A 294 -16.07 -14.28 -20.79
CA ARG A 294 -16.86 -13.34 -19.98
C ARG A 294 -16.21 -13.14 -18.62
N LEU A 295 -16.43 -11.96 -18.04
CA LEU A 295 -15.75 -11.57 -16.82
C LEU A 295 -16.72 -11.31 -15.70
N ILE A 296 -16.37 -11.71 -14.49
CA ILE A 296 -17.19 -11.43 -13.30
C ILE A 296 -16.23 -10.83 -12.27
N SER A 297 -16.53 -9.66 -11.74
CA SER A 297 -15.67 -8.97 -10.80
C SER A 297 -16.33 -8.93 -9.43
N VAL A 298 -15.61 -9.33 -8.40
CA VAL A 298 -16.02 -9.08 -7.03
C VAL A 298 -15.09 -8.00 -6.48
N THR A 299 -15.68 -6.89 -6.02
CA THR A 299 -14.90 -5.73 -5.59
C THR A 299 -15.52 -5.13 -4.36
N CYS A 300 -14.70 -4.61 -3.45
CA CYS A 300 -15.26 -3.93 -2.28
C CYS A 300 -15.62 -2.47 -2.57
N ASP A 301 -15.43 -2.02 -3.81
CA ASP A 301 -15.48 -0.58 -4.09
C ASP A 301 -16.47 -0.27 -5.22
N PRO A 302 -17.60 0.39 -4.91
CA PRO A 302 -18.53 0.79 -5.97
C PRO A 302 -17.86 1.52 -7.12
N LEU A 303 -16.84 2.35 -6.83
CA LEU A 303 -16.20 3.11 -7.89
C LEU A 303 -15.50 2.18 -8.91
N GLU A 304 -14.97 1.07 -8.41
CA GLU A 304 -14.39 0.08 -9.29
C GLU A 304 -15.43 -0.62 -10.12
N ALA A 305 -16.52 -1.05 -9.47
CA ALA A 305 -17.57 -1.75 -10.22
C ALA A 305 -18.18 -0.83 -11.31
N ALA A 306 -18.30 0.46 -11.00
CA ALA A 306 -18.95 1.37 -11.96
C ALA A 306 -18.11 1.56 -13.21
N ARG A 307 -16.77 1.67 -13.02
CA ARG A 307 -15.91 2.05 -14.14
C ARG A 307 -15.32 0.89 -14.95
N ALA A 308 -15.49 -0.34 -14.50
CA ALA A 308 -15.05 -1.47 -15.33
C ALA A 308 -15.67 -1.34 -16.72
N PRO A 309 -14.87 -1.51 -17.79
CA PRO A 309 -15.49 -1.35 -19.11
C PRO A 309 -16.15 -2.61 -19.64
N MET A 310 -16.12 -3.67 -18.85
CA MET A 310 -16.70 -4.94 -19.27
C MET A 310 -16.97 -5.79 -18.03
N GLY A 311 -17.84 -6.79 -18.20
CA GLY A 311 -18.05 -7.81 -17.20
C GLY A 311 -19.22 -7.46 -16.26
N ASP A 312 -19.63 -8.45 -15.46
CA ASP A 312 -20.57 -8.19 -14.38
C ASP A 312 -19.78 -7.88 -13.12
N ALA A 313 -20.42 -7.33 -12.09
CA ALA A 313 -19.70 -7.04 -10.86
C ALA A 313 -20.61 -7.26 -9.67
N ILE A 314 -19.97 -7.55 -8.54
CA ILE A 314 -20.64 -7.73 -7.24
C ILE A 314 -19.84 -6.89 -6.28
N VAL A 315 -20.51 -6.00 -5.54
CA VAL A 315 -19.84 -5.11 -4.61
C VAL A 315 -20.06 -5.70 -3.21
N ALA A 316 -18.99 -6.21 -2.61
CA ALA A 316 -19.10 -6.93 -1.33
C ALA A 316 -17.75 -6.99 -0.66
N ASP A 317 -17.75 -7.47 0.57
CA ASP A 317 -16.49 -7.64 1.31
C ASP A 317 -15.67 -8.80 0.70
N ILE A 318 -14.37 -8.55 0.50
CA ILE A 318 -13.54 -9.53 -0.17
C ILE A 318 -13.29 -10.76 0.73
N GLY A 319 -13.08 -10.53 2.03
CA GLY A 319 -12.90 -11.64 2.95
C GLY A 319 -14.12 -12.57 2.96
N ALA A 320 -15.30 -11.97 3.10
CA ALA A 320 -16.53 -12.74 3.17
C ALA A 320 -16.80 -13.47 1.87
N MET A 321 -16.58 -12.80 0.75
CA MET A 321 -16.85 -13.43 -0.55
C MET A 321 -15.86 -14.56 -0.89
N ALA A 322 -14.58 -14.30 -0.67
CA ALA A 322 -13.58 -15.34 -0.93
C ALA A 322 -13.84 -16.57 -0.08
N SER A 323 -14.19 -16.36 1.19
CA SER A 323 -14.46 -17.52 2.05
C SER A 323 -15.69 -18.30 1.55
N ALA A 324 -16.75 -17.58 1.22
CA ALA A 324 -17.96 -18.25 0.78
C ALA A 324 -17.69 -19.02 -0.51
N LEU A 325 -17.05 -18.37 -1.51
CA LEU A 325 -16.83 -19.06 -2.77
C LEU A 325 -15.93 -20.28 -2.59
N ALA A 326 -14.86 -20.13 -1.81
CA ALA A 326 -13.90 -21.22 -1.61
C ALA A 326 -14.58 -22.43 -0.99
N ASN A 327 -15.56 -22.19 -0.14
CA ASN A 327 -16.24 -23.30 0.54
C ASN A 327 -17.44 -23.85 -0.19
N LEU A 328 -17.92 -23.13 -1.19
CA LEU A 328 -19.14 -23.57 -1.86
C LEU A 328 -18.91 -24.22 -3.20
N VAL A 329 -17.83 -23.86 -3.94
CA VAL A 329 -17.63 -24.43 -5.28
C VAL A 329 -17.33 -25.93 -5.25
N GLU A 330 -17.69 -26.62 -6.32
CA GLU A 330 -17.35 -28.04 -6.48
C GLU A 330 -15.87 -28.22 -6.69
N GLU A 331 -15.37 -29.41 -6.36
CA GLU A 331 -14.03 -29.78 -6.82
C GLU A 331 -14.12 -30.22 -8.27
N SER A 332 -13.50 -29.47 -9.17
CA SER A 332 -13.46 -29.86 -10.56
C SER A 332 -12.63 -31.14 -10.74
N SER A 333 -13.07 -31.97 -11.69
CA SER A 333 -12.26 -33.13 -12.05
C SER A 333 -11.16 -32.80 -13.09
N ARG A 334 -11.02 -31.54 -13.50
CA ARG A 334 -9.88 -31.17 -14.35
C ARG A 334 -8.57 -31.37 -13.61
N GLN A 335 -7.49 -31.48 -14.38
CA GLN A 335 -6.17 -31.59 -13.76
C GLN A 335 -5.75 -30.24 -13.16
N LEU A 336 -5.12 -30.28 -12.00
CA LEU A 336 -4.57 -29.03 -11.43
C LEU A 336 -3.54 -28.45 -12.38
N PRO A 337 -3.53 -27.13 -12.54
CA PRO A 337 -2.45 -26.50 -13.30
C PRO A 337 -1.06 -26.89 -12.80
N THR A 338 -0.08 -26.91 -13.71
N THR A 338 -0.09 -26.95 -13.72
CA THR A 338 1.29 -27.27 -13.39
CA THR A 338 1.29 -27.25 -13.36
C THR A 338 2.04 -25.98 -13.06
C THR A 338 2.04 -25.97 -13.05
N ALA A 339 2.97 -26.04 -12.10
CA ALA A 339 3.69 -24.85 -11.68
C ALA A 339 4.54 -24.28 -12.79
N ALA A 340 4.64 -22.95 -12.80
CA ALA A 340 5.55 -22.29 -13.71
C ALA A 340 7.00 -22.75 -13.43
N PRO A 341 7.79 -22.88 -14.48
CA PRO A 341 9.18 -23.24 -14.27
C PRO A 341 9.94 -22.15 -13.53
N GLU A 342 11.04 -22.57 -12.93
CA GLU A 342 11.92 -21.62 -12.30
C GLU A 342 12.49 -20.64 -13.33
N PRO A 343 12.75 -19.43 -12.89
CA PRO A 343 13.37 -18.51 -13.86
C PRO A 343 14.81 -18.90 -14.12
N ALA A 344 15.28 -18.54 -15.31
CA ALA A 344 16.65 -18.84 -15.68
C ALA A 344 17.63 -17.91 -14.93
N LYS A 345 18.85 -18.42 -14.74
CA LYS A 345 19.96 -17.62 -14.22
C LYS A 345 20.51 -16.75 -15.36
N VAL A 346 20.54 -15.44 -15.17
CA VAL A 346 21.15 -14.53 -16.15
C VAL A 346 22.68 -14.52 -16.02
N ASP A 347 23.39 -14.49 -17.13
CA ASP A 347 24.85 -14.43 -17.09
C ASP A 347 25.29 -13.18 -16.28
N GLN A 348 26.22 -13.38 -15.35
CA GLN A 348 26.66 -12.29 -14.49
C GLN A 348 28.18 -12.34 -14.36
N ASP A 349 28.85 -11.26 -14.76
CA ASP A 349 30.29 -11.19 -14.65
C ASP A 349 30.66 -10.60 -13.29
N ALA A 350 31.94 -10.31 -13.07
CA ALA A 350 32.38 -9.80 -11.77
C ALA A 350 32.19 -8.27 -11.59
N GLY A 351 31.39 -7.64 -12.46
CA GLY A 351 31.12 -6.22 -12.37
C GLY A 351 29.72 -5.91 -11.88
N ARG A 352 29.14 -4.84 -12.43
CA ARG A 352 27.86 -4.33 -11.95
C ARG A 352 26.79 -5.40 -12.01
N LEU A 353 25.85 -5.31 -11.08
CA LEU A 353 24.83 -6.34 -10.93
C LEU A 353 23.66 -6.20 -11.90
N HIS A 354 23.30 -7.29 -12.56
CA HIS A 354 21.99 -7.36 -13.21
C HIS A 354 20.91 -7.45 -12.15
N PRO A 355 19.78 -6.76 -12.37
CA PRO A 355 18.69 -6.87 -11.39
C PRO A 355 18.28 -8.30 -11.12
N GLU A 356 18.31 -9.14 -12.16
CA GLU A 356 17.97 -10.55 -11.99
C GLU A 356 18.87 -11.20 -10.93
N THR A 357 20.17 -10.88 -10.97
CA THR A 357 21.07 -11.44 -9.98
C THR A 357 20.70 -10.98 -8.59
N VAL A 358 20.34 -9.71 -8.45
CA VAL A 358 20.00 -9.18 -7.13
C VAL A 358 18.77 -9.94 -6.57
N PHE A 359 17.72 -10.05 -7.39
CA PHE A 359 16.55 -10.78 -6.90
C PHE A 359 16.82 -12.26 -6.61
N ASP A 360 17.62 -12.91 -7.44
CA ASP A 360 17.94 -14.33 -7.18
C ASP A 360 18.66 -14.47 -5.84
N THR A 361 19.56 -13.53 -5.59
CA THR A 361 20.38 -13.56 -4.37
C THR A 361 19.51 -13.25 -3.14
N LEU A 362 18.61 -12.26 -3.26
CA LEU A 362 17.66 -12.00 -2.19
C LEU A 362 16.82 -13.25 -1.91
N ASN A 363 16.33 -13.89 -2.96
CA ASN A 363 15.51 -15.08 -2.77
C ASN A 363 16.33 -16.20 -2.09
N ASP A 364 17.61 -16.31 -2.45
CA ASP A 364 18.48 -17.35 -1.84
C ASP A 364 18.73 -17.10 -0.35
N MET A 365 18.84 -15.82 0.04
CA MET A 365 19.34 -15.50 1.40
C MET A 365 18.29 -15.06 2.41
N ALA A 366 17.20 -14.44 1.91
CA ALA A 366 16.17 -13.90 2.81
C ALA A 366 15.38 -15.03 3.49
N PRO A 367 14.85 -14.77 4.68
CA PRO A 367 13.96 -15.74 5.32
C PRO A 367 12.70 -15.98 4.49
N GLU A 368 12.11 -17.14 4.68
CA GLU A 368 10.89 -17.52 3.94
C GLU A 368 9.70 -16.60 4.24
N ASN A 369 9.76 -15.91 5.38
CA ASN A 369 8.71 -14.99 5.74
C ASN A 369 9.13 -13.52 5.59
N ALA A 370 10.13 -13.26 4.74
CA ALA A 370 10.49 -11.88 4.41
C ALA A 370 9.29 -11.13 3.83
N ILE A 371 9.33 -9.81 3.95
CA ILE A 371 8.33 -8.94 3.30
C ILE A 371 9.12 -8.01 2.44
N TYR A 372 8.73 -7.90 1.19
CA TYR A 372 9.44 -7.03 0.23
C TYR A 372 8.63 -5.79 -0.11
N LEU A 373 9.32 -4.70 -0.42
CA LEU A 373 8.64 -3.56 -1.06
C LEU A 373 9.38 -3.26 -2.32
N ASN A 374 8.63 -2.82 -3.32
CA ASN A 374 9.18 -2.55 -4.62
C ASN A 374 9.00 -1.09 -5.01
N GLU A 375 10.09 -0.36 -5.17
CA GLU A 375 10.03 0.93 -5.85
C GLU A 375 11.24 1.03 -6.77
N SER A 376 11.45 -0.06 -7.51
CA SER A 376 12.53 -0.17 -8.50
C SER A 376 11.76 -0.45 -9.80
N LEU A 377 11.27 0.62 -10.44
CA LEU A 377 10.15 0.45 -11.37
C LEU A 377 10.50 -0.29 -12.66
N SER A 378 11.75 -0.19 -13.11
CA SER A 378 12.14 -0.90 -14.32
C SER A 378 12.42 -2.40 -14.12
N THR A 379 12.37 -2.88 -12.88
CA THR A 379 12.75 -4.29 -12.62
C THR A 379 11.60 -5.09 -12.02
N THR A 380 10.39 -4.53 -12.07
CA THR A 380 9.24 -5.17 -11.44
C THR A 380 8.94 -6.56 -11.95
N ALA A 381 9.00 -6.76 -13.27
CA ALA A 381 8.69 -8.08 -13.82
C ALA A 381 9.66 -9.13 -13.29
N GLN A 382 10.95 -8.77 -13.25
CA GLN A 382 11.97 -9.69 -12.77
C GLN A 382 11.78 -9.98 -11.30
N MET A 383 11.37 -8.96 -10.54
CA MET A 383 11.15 -9.16 -9.11
C MET A 383 10.03 -10.20 -8.87
N TRP A 384 8.91 -10.01 -9.57
CA TRP A 384 7.80 -10.94 -9.45
C TRP A 384 8.13 -12.36 -9.87
N GLN A 385 9.03 -12.51 -10.83
CA GLN A 385 9.40 -13.85 -11.27
C GLN A 385 10.36 -14.53 -10.31
N ARG A 386 11.11 -13.72 -9.55
CA ARG A 386 12.28 -14.28 -8.87
C ARG A 386 12.22 -14.40 -7.35
N LEU A 387 11.20 -13.77 -6.75
CA LEU A 387 11.02 -13.85 -5.30
C LEU A 387 9.91 -14.83 -4.98
N ASN A 388 10.23 -15.91 -4.27
CA ASN A 388 9.19 -16.82 -3.80
C ASN A 388 8.55 -16.18 -2.57
N MET A 389 7.28 -15.75 -2.71
CA MET A 389 6.56 -15.12 -1.60
C MET A 389 5.42 -16.06 -1.24
N ARG A 390 5.61 -16.87 -0.20
CA ARG A 390 4.65 -17.91 0.19
C ARG A 390 3.49 -17.40 1.01
N ASN A 391 3.73 -16.32 1.76
CA ASN A 391 2.82 -15.90 2.82
C ASN A 391 2.09 -14.62 2.45
N PRO A 392 0.95 -14.35 3.08
CA PRO A 392 0.26 -13.06 2.89
C PRO A 392 1.16 -11.92 3.35
N GLY A 393 0.79 -10.69 2.98
CA GLY A 393 1.50 -9.50 3.43
C GLY A 393 2.98 -9.45 3.06
N SER A 394 3.35 -10.01 1.90
CA SER A 394 4.79 -10.12 1.58
C SER A 394 5.28 -9.13 0.55
N TYR A 395 4.40 -8.26 0.05
CA TYR A 395 4.79 -7.35 -1.07
C TYR A 395 3.97 -6.06 -1.05
N TYR A 396 4.66 -4.94 -1.17
CA TYR A 396 3.97 -3.63 -1.34
C TYR A 396 4.64 -2.82 -2.43
N PHE A 397 3.80 -2.17 -3.23
CA PHE A 397 4.20 -1.31 -4.35
C PHE A 397 3.25 -0.13 -4.39
N CYS A 398 3.82 1.07 -4.60
CA CYS A 398 3.04 2.33 -4.65
C CYS A 398 1.76 2.25 -5.53
N ALA A 399 0.62 2.27 -4.88
CA ALA A 399 -0.65 1.88 -5.55
C ALA A 399 -1.09 2.90 -6.61
N ALA A 400 -0.68 4.15 -6.46
CA ALA A 400 -1.01 5.17 -7.46
C ALA A 400 0.23 5.50 -8.29
N GLY A 401 1.26 4.67 -8.17
CA GLY A 401 2.49 4.94 -8.91
C GLY A 401 3.27 6.13 -8.34
N GLY A 402 2.94 6.59 -7.12
CA GLY A 402 3.60 7.77 -6.57
C GLY A 402 4.89 7.37 -5.86
N LEU A 403 6.01 7.81 -6.41
CA LEU A 403 7.30 7.52 -5.80
C LEU A 403 7.44 8.22 -4.45
N GLY A 404 8.25 7.62 -3.57
CA GLY A 404 8.33 8.08 -2.19
C GLY A 404 7.49 7.26 -1.22
N PHE A 405 6.89 6.17 -1.70
CA PHE A 405 6.11 5.29 -0.84
C PHE A 405 6.98 4.23 -0.14
N ALA A 406 7.78 3.49 -0.93
CA ALA A 406 8.37 2.26 -0.38
C ALA A 406 9.33 2.49 0.78
N LEU A 407 10.13 3.58 0.72
CA LEU A 407 11.12 3.77 1.77
C LEU A 407 10.42 3.97 3.16
N PRO A 408 9.51 4.96 3.28
CA PRO A 408 8.80 5.08 4.58
C PRO A 408 7.85 3.91 4.82
N ALA A 409 7.16 3.43 3.79
CA ALA A 409 6.23 2.31 4.07
C ALA A 409 6.95 1.09 4.63
N ALA A 410 8.19 0.84 4.17
CA ALA A 410 8.95 -0.32 4.65
C ALA A 410 9.18 -0.22 6.16
N ILE A 411 9.32 0.99 6.66
CA ILE A 411 9.52 1.22 8.07
C ILE A 411 8.21 0.95 8.83
N GLY A 412 7.09 1.43 8.29
CA GLY A 412 5.80 1.14 8.92
C GLY A 412 5.47 -0.35 8.88
N VAL A 413 5.76 -1.00 7.74
CA VAL A 413 5.54 -2.45 7.67
C VAL A 413 6.41 -3.18 8.74
N GLN A 414 7.67 -2.78 8.83
CA GLN A 414 8.56 -3.45 9.78
C GLN A 414 8.10 -3.23 11.23
N LEU A 415 7.54 -2.04 11.51
CA LEU A 415 6.98 -1.73 12.82
C LEU A 415 5.75 -2.64 13.08
N ALA A 416 4.94 -2.87 12.02
CA ALA A 416 3.75 -3.72 12.14
C ALA A 416 4.09 -5.21 12.31
N GLU A 417 5.20 -5.64 11.71
CA GLU A 417 5.59 -7.05 11.67
C GLU A 417 7.03 -7.22 12.18
N PRO A 418 7.21 -7.06 13.49
CA PRO A 418 8.55 -7.07 14.08
C PRO A 418 9.31 -8.38 13.89
N GLU A 419 8.62 -9.49 13.59
CA GLU A 419 9.29 -10.78 13.47
C GLU A 419 9.45 -11.20 12.01
N ARG A 420 9.11 -10.32 11.08
CA ARG A 420 9.31 -10.63 9.65
C ARG A 420 10.28 -9.62 9.08
N GLN A 421 11.40 -10.08 8.52
CA GLN A 421 12.38 -9.16 7.97
C GLN A 421 11.86 -8.42 6.72
N VAL A 422 11.83 -7.09 6.80
CA VAL A 422 11.36 -6.28 5.67
C VAL A 422 12.58 -5.86 4.83
N ILE A 423 12.46 -6.03 3.51
CA ILE A 423 13.54 -5.71 2.58
C ILE A 423 12.91 -4.84 1.49
N ALA A 424 13.25 -3.54 1.49
CA ALA A 424 12.69 -2.63 0.49
C ALA A 424 13.70 -2.52 -0.67
N VAL A 425 13.27 -2.81 -1.90
CA VAL A 425 14.14 -2.70 -3.08
C VAL A 425 13.71 -1.46 -3.86
N ILE A 426 14.56 -0.44 -3.83
CA ILE A 426 14.21 0.91 -4.24
C ILE A 426 15.22 1.44 -5.23
N GLY A 427 14.76 1.97 -6.37
CA GLY A 427 15.70 2.55 -7.34
C GLY A 427 16.38 3.82 -6.82
N ASP A 428 17.54 4.13 -7.39
CA ASP A 428 18.27 5.34 -6.98
C ASP A 428 17.44 6.61 -7.17
N GLY A 429 16.59 6.64 -8.20
CA GLY A 429 15.77 7.83 -8.37
C GLY A 429 14.72 7.90 -7.28
N SER A 430 13.99 6.81 -7.09
CA SER A 430 12.88 6.75 -6.12
C SER A 430 13.34 7.02 -4.69
N ALA A 431 14.56 6.60 -4.34
CA ALA A 431 15.07 6.71 -2.98
C ALA A 431 15.04 8.14 -2.46
N ASN A 432 15.14 9.14 -3.36
CA ASN A 432 15.26 10.53 -2.89
C ASN A 432 13.94 11.14 -2.42
N TYR A 433 12.82 10.64 -2.94
CA TYR A 433 11.54 11.34 -2.72
C TYR A 433 11.24 11.45 -1.23
N SER A 434 11.50 10.35 -0.49
CA SER A 434 11.23 10.30 0.94
C SER A 434 12.49 9.86 1.72
N ILE A 435 13.64 10.38 1.31
CA ILE A 435 14.92 9.95 1.89
C ILE A 435 14.96 10.18 3.40
N SER A 436 14.35 11.26 3.89
CA SER A 436 14.47 11.58 5.32
C SER A 436 13.75 10.52 6.24
N ALA A 437 12.92 9.65 5.64
CA ALA A 437 12.27 8.61 6.44
C ALA A 437 13.31 7.71 7.11
N LEU A 438 14.50 7.60 6.48
CA LEU A 438 15.57 6.78 7.08
C LEU A 438 15.78 7.12 8.56
N TRP A 439 15.72 8.41 8.88
CA TRP A 439 15.92 8.86 10.26
C TRP A 439 14.98 8.16 11.27
N THR A 440 13.72 7.96 10.87
CA THR A 440 12.78 7.34 11.79
C THR A 440 13.21 5.89 12.05
N ALA A 441 13.68 5.18 11.02
CA ALA A 441 14.17 3.80 11.23
C ALA A 441 15.33 3.80 12.23
N ALA A 442 16.24 4.76 12.08
CA ALA A 442 17.37 4.84 13.02
C ALA A 442 16.92 5.15 14.45
N GLN A 443 16.12 6.20 14.61
CA GLN A 443 15.76 6.65 15.95
C GLN A 443 14.98 5.63 16.75
N TYR A 444 14.10 4.88 16.08
CA TYR A 444 13.24 3.94 16.79
C TYR A 444 13.79 2.53 16.63
N ASN A 445 14.97 2.41 16.00
CA ASN A 445 15.61 1.13 15.71
C ASN A 445 14.69 0.11 15.07
N ILE A 446 14.09 0.51 13.96
CA ILE A 446 13.20 -0.35 13.23
C ILE A 446 14.08 -0.96 12.14
N PRO A 447 14.29 -2.29 12.19
CA PRO A 447 15.44 -2.87 11.45
C PRO A 447 15.15 -3.22 9.99
N THR A 448 14.45 -2.31 9.29
CA THR A 448 14.23 -2.48 7.86
C THR A 448 15.57 -2.53 7.11
N ILE A 449 15.62 -3.32 6.04
CA ILE A 449 16.79 -3.34 5.14
C ILE A 449 16.38 -2.62 3.87
N PHE A 450 17.20 -1.66 3.43
CA PHE A 450 16.89 -0.90 2.21
C PHE A 450 17.94 -1.25 1.17
N VAL A 451 17.50 -1.76 0.05
CA VAL A 451 18.43 -2.14 -1.03
C VAL A 451 18.24 -1.12 -2.14
N ILE A 452 19.25 -0.27 -2.34
CA ILE A 452 19.14 0.79 -3.35
C ILE A 452 19.73 0.27 -4.66
N MET A 453 18.91 0.20 -5.70
CA MET A 453 19.35 -0.29 -7.01
C MET A 453 19.89 0.93 -7.77
N ASN A 454 21.21 1.10 -7.75
CA ASN A 454 21.78 2.31 -8.31
C ASN A 454 22.31 2.12 -9.73
N ASN A 455 21.52 2.59 -10.70
CA ASN A 455 21.97 2.59 -12.11
C ASN A 455 22.12 4.00 -12.69
N GLY A 456 21.97 5.02 -11.84
CA GLY A 456 22.25 6.39 -12.26
C GLY A 456 21.20 7.10 -13.08
N THR A 457 20.06 6.46 -13.28
CA THR A 457 19.09 7.00 -14.24
C THR A 457 17.69 6.64 -13.84
N TYR A 458 16.74 7.41 -14.37
CA TYR A 458 15.33 7.05 -14.25
C TYR A 458 15.00 6.00 -15.35
N GLY A 459 15.38 4.74 -15.11
CA GLY A 459 15.35 3.69 -16.12
C GLY A 459 13.98 3.43 -16.75
N TYR A 460 12.93 3.41 -15.93
CA TYR A 460 11.59 3.14 -16.43
C TYR A 460 11.17 4.24 -17.40
N LEU A 461 11.56 5.48 -17.11
CA LEU A 461 11.20 6.57 -18.02
C LEU A 461 11.95 6.49 -19.33
N ARG A 462 13.19 6.01 -19.30
CA ARG A 462 13.81 5.68 -20.59
C ARG A 462 13.02 4.60 -21.34
N TRP A 463 12.50 3.60 -20.62
CA TRP A 463 11.63 2.60 -21.29
C TRP A 463 10.34 3.20 -21.89
N PHE A 464 9.64 4.02 -21.10
CA PHE A 464 8.34 4.50 -21.52
C PHE A 464 8.60 5.43 -22.67
N ALA A 465 9.77 6.10 -22.65
CA ALA A 465 10.14 6.97 -23.78
C ALA A 465 10.23 6.13 -25.04
N GLY A 466 10.72 4.90 -24.90
CA GLY A 466 10.78 3.97 -26.03
C GLY A 466 9.40 3.64 -26.59
N VAL A 467 8.47 3.21 -25.73
CA VAL A 467 7.11 2.90 -26.20
C VAL A 467 6.46 4.13 -26.86
N LEU A 468 6.75 5.33 -26.35
CA LEU A 468 6.19 6.54 -26.94
C LEU A 468 7.05 7.00 -28.13
N GLU A 469 8.24 6.41 -28.27
CA GLU A 469 9.25 6.81 -29.26
C GLU A 469 9.68 8.29 -29.13
N ALA A 470 9.90 8.71 -27.89
CA ALA A 470 10.25 10.10 -27.57
C ALA A 470 11.78 10.36 -27.43
N GLU A 471 12.32 11.24 -28.26
CA GLU A 471 13.74 11.60 -28.25
C GLU A 471 14.03 12.99 -27.63
N ASN A 472 15.29 13.25 -27.26
CA ASN A 472 15.72 14.55 -26.70
C ASN A 472 14.93 14.99 -25.46
N VAL A 473 14.61 14.04 -24.60
CA VAL A 473 13.95 14.33 -23.36
C VAL A 473 14.97 14.67 -22.25
N PRO A 474 14.81 15.81 -21.58
CA PRO A 474 15.72 16.21 -20.51
C PRO A 474 15.35 15.51 -19.19
N GLY A 475 16.25 15.57 -18.22
CA GLY A 475 15.92 15.25 -16.83
C GLY A 475 15.79 13.78 -16.50
N LEU A 476 16.40 12.91 -17.33
CA LEU A 476 16.26 11.46 -17.07
C LEU A 476 17.41 10.87 -16.27
N ASP A 477 18.50 11.62 -16.10
CA ASP A 477 19.64 11.05 -15.37
C ASP A 477 19.83 11.66 -14.00
N VAL A 478 20.23 10.82 -13.05
CA VAL A 478 20.39 11.26 -11.66
C VAL A 478 21.78 10.84 -11.13
N PRO A 479 22.84 11.29 -11.80
CA PRO A 479 24.17 10.94 -11.33
C PRO A 479 24.55 11.61 -10.01
N GLY A 480 25.59 11.11 -9.33
CA GLY A 480 26.19 11.94 -8.30
C GLY A 480 25.50 11.89 -6.95
N ILE A 481 24.87 10.76 -6.63
CA ILE A 481 24.25 10.61 -5.32
C ILE A 481 24.97 9.47 -4.58
N ASP A 482 25.43 9.78 -3.38
CA ASP A 482 26.14 8.80 -2.55
C ASP A 482 25.18 8.33 -1.46
N PHE A 483 24.56 7.17 -1.68
CA PHE A 483 23.50 6.72 -0.75
C PHE A 483 24.05 6.27 0.58
N ARG A 484 25.30 5.81 0.59
CA ARG A 484 25.91 5.49 1.89
C ARG A 484 26.05 6.76 2.75
N ALA A 485 26.42 7.88 2.13
CA ALA A 485 26.51 9.14 2.87
C ALA A 485 25.13 9.59 3.36
N LEU A 486 24.09 9.42 2.53
CA LEU A 486 22.75 9.81 2.97
C LEU A 486 22.32 8.96 4.18
N ALA A 487 22.59 7.64 4.12
CA ALA A 487 22.26 6.77 5.24
C ALA A 487 23.03 7.21 6.49
N LYS A 488 24.33 7.47 6.35
CA LYS A 488 25.11 7.97 7.48
C LYS A 488 24.49 9.25 8.04
N GLY A 489 24.06 10.12 7.13
CA GLY A 489 23.49 11.38 7.55
C GLY A 489 22.31 11.18 8.48
N TYR A 490 21.54 10.11 8.27
CA TYR A 490 20.36 9.88 9.09
C TYR A 490 20.53 8.78 10.13
N GLY A 491 21.78 8.33 10.31
CA GLY A 491 22.12 7.38 11.36
C GLY A 491 21.85 5.91 11.08
N VAL A 492 21.81 5.56 9.80
CA VAL A 492 21.55 4.17 9.37
C VAL A 492 22.86 3.57 8.86
N GLN A 493 23.19 2.36 9.33
CA GLN A 493 24.37 1.64 8.86
C GLN A 493 24.29 1.46 7.37
N ALA A 494 25.42 1.68 6.70
CA ALA A 494 25.45 1.69 5.23
C ALA A 494 26.54 0.78 4.68
N LEU A 495 26.19 0.04 3.64
CA LEU A 495 27.08 -0.88 2.96
C LEU A 495 27.03 -0.66 1.46
N LYS A 496 28.06 -1.08 0.74
CA LYS A 496 28.06 -0.95 -0.71
C LYS A 496 28.26 -2.32 -1.33
N ALA A 497 27.62 -2.54 -2.45
CA ALA A 497 27.78 -3.78 -3.19
C ALA A 497 28.03 -3.44 -4.65
N ASP A 498 29.28 -3.56 -5.06
CA ASP A 498 29.64 -3.20 -6.44
C ASP A 498 29.70 -4.44 -7.32
N ASN A 499 29.62 -5.62 -6.70
CA ASN A 499 29.66 -6.87 -7.47
C ASN A 499 28.96 -7.96 -6.66
N LEU A 500 28.87 -9.18 -7.20
CA LEU A 500 28.10 -10.22 -6.52
C LEU A 500 28.72 -10.62 -5.17
N GLU A 501 30.06 -10.72 -5.13
CA GLU A 501 30.72 -11.06 -3.88
C GLU A 501 30.34 -10.07 -2.77
N GLN A 502 30.37 -8.77 -3.11
CA GLN A 502 30.02 -7.76 -2.13
C GLN A 502 28.53 -7.77 -1.80
N LEU A 503 27.69 -8.09 -2.79
CA LEU A 503 26.24 -8.15 -2.54
C LEU A 503 25.94 -9.25 -1.50
N LYS A 504 26.57 -10.40 -1.69
CA LYS A 504 26.37 -11.51 -0.76
C LYS A 504 26.87 -11.15 0.61
N GLY A 505 28.07 -10.57 0.71
CA GLY A 505 28.58 -10.16 2.00
C GLY A 505 27.71 -9.13 2.68
N SER A 506 27.24 -8.16 1.91
CA SER A 506 26.42 -7.07 2.45
C SER A 506 25.11 -7.62 2.94
N LEU A 507 24.49 -8.51 2.15
CA LEU A 507 23.21 -9.07 2.63
C LEU A 507 23.38 -9.89 3.91
N GLN A 508 24.48 -10.66 3.98
CA GLN A 508 24.75 -11.43 5.18
C GLN A 508 24.88 -10.52 6.39
N GLU A 509 25.63 -9.43 6.25
CA GLU A 509 25.76 -8.48 7.34
C GLU A 509 24.40 -7.85 7.69
N ALA A 510 23.66 -7.42 6.66
CA ALA A 510 22.39 -6.75 6.91
C ALA A 510 21.39 -7.66 7.60
N LEU A 511 21.34 -8.91 7.13
CA LEU A 511 20.38 -9.83 7.71
C LEU A 511 20.66 -10.09 9.18
N SER A 512 21.94 -10.03 9.55
CA SER A 512 22.39 -10.27 10.92
C SER A 512 22.31 -9.06 11.84
N ALA A 513 22.20 -7.88 11.22
CA ALA A 513 22.26 -6.63 11.95
C ALA A 513 21.08 -6.47 12.87
N LYS A 514 21.27 -5.69 13.92
CA LYS A 514 20.20 -5.43 14.87
C LYS A 514 19.45 -4.12 14.62
N GLY A 515 19.91 -3.34 13.66
CA GLY A 515 19.28 -2.07 13.33
C GLY A 515 19.02 -2.03 11.84
N PRO A 516 18.41 -0.92 11.37
CA PRO A 516 18.21 -0.74 9.92
C PRO A 516 19.56 -0.70 9.17
N VAL A 517 19.53 -1.14 7.91
CA VAL A 517 20.75 -1.15 7.10
C VAL A 517 20.38 -0.74 5.69
N LEU A 518 21.23 0.09 5.08
CA LEU A 518 21.08 0.47 3.69
C LEU A 518 22.24 -0.14 2.90
N ILE A 519 21.90 -0.80 1.80
CA ILE A 519 22.92 -1.38 0.91
C ILE A 519 22.79 -0.69 -0.43
N GLU A 520 23.84 0.01 -0.86
CA GLU A 520 23.84 0.64 -2.17
C GLU A 520 24.40 -0.36 -3.18
N VAL A 521 23.57 -0.79 -4.15
CA VAL A 521 23.99 -1.80 -5.11
C VAL A 521 24.23 -1.14 -6.45
N SER A 522 25.40 -1.40 -7.03
CA SER A 522 25.72 -0.83 -8.36
C SER A 522 25.12 -1.72 -9.42
N THR A 523 24.02 -1.27 -10.05
CA THR A 523 23.34 -2.15 -10.99
C THR A 523 23.63 -1.73 -12.42
N VAL A 524 23.37 -2.64 -13.36
CA VAL A 524 23.66 -2.33 -14.77
C VAL A 524 22.73 -1.23 -15.31
N SER A 525 23.27 -0.34 -16.15
CA SER A 525 22.48 0.69 -16.82
C SER A 525 21.65 0.10 -17.96
N PRO A 526 20.42 0.58 -18.12
CA PRO A 526 19.49 0.17 -19.19
C PRO A 526 19.84 0.73 -20.59
CA CA B . 17.47 4.04 -11.51
C1 GOL C . -22.98 -12.34 -12.03
O1 GOL C . -23.65 -11.20 -12.55
C2 GOL C . -23.15 -13.44 -13.08
O2 GOL C . -22.17 -13.20 -14.09
C3 GOL C . -23.07 -14.82 -12.45
O3 GOL C . -22.95 -15.78 -13.50
H11 GOL C . -21.93 -12.13 -11.87
H12 GOL C . -23.44 -12.64 -11.09
HO1 GOL C . -23.62 -10.49 -11.88
H2 GOL C . -24.14 -13.32 -13.52
HO2 GOL C . -21.27 -13.31 -13.69
H31 GOL C . -22.21 -14.89 -11.79
H32 GOL C . -23.98 -15.02 -11.86
HO3 GOL C . -22.01 -16.02 -13.62
C1 GOL D . 11.45 12.12 18.78
O1 GOL D . 11.38 13.50 19.13
C2 GOL D . 12.85 11.60 19.10
O2 GOL D . 13.06 11.63 20.50
C3 GOL D . 13.02 10.15 18.63
O3 GOL D . 14.24 9.63 19.10
H11 GOL D . 10.70 11.56 19.34
H12 GOL D . 11.24 12.01 17.72
HO1 GOL D . 10.51 13.86 18.88
H2 GOL D . 13.59 12.22 18.60
HO2 GOL D . 12.41 11.04 20.94
H31 GOL D . 12.19 9.53 19.00
H32 GOL D . 13.01 10.10 17.54
HO3 GOL D . 14.94 10.32 19.04
N1' TZD E . 7.32 11.71 -9.41
C2' TZD E . 6.52 10.93 -8.56
C2A TZD E . 6.11 11.41 -7.18
N3' TZD E . 6.07 9.72 -8.98
C4' TZD E . 6.42 9.28 -10.22
N4' TZD E . 5.93 8.06 -10.62
C5' TZD E . 7.25 10.04 -11.05
C6' TZD E . 7.66 11.29 -10.63
C35 TZD E . 7.64 9.50 -12.46
N3 TZD E . 8.53 8.35 -12.49
C2 TZD E . 7.99 7.08 -12.71
OC2 TZD E . 6.80 6.78 -12.88
S1 TZD E . 9.32 5.90 -12.77
C5 TZD E . 10.52 7.20 -12.44
C4 TZD E . 9.92 8.46 -12.31
C4A TZD E . 10.70 9.71 -12.04
C5A TZD E . 12.01 6.87 -12.35
C5B TZD E . 12.25 5.86 -11.28
O5G TZD E . 13.68 5.75 -11.22
P1 TZD E . 14.33 4.66 -10.24
O11 TZD E . 14.01 3.25 -10.88
O12 TZD E . 13.78 4.70 -8.87
O13 TZD E . 15.81 4.94 -10.24
P2 TZD E . 14.32 2.72 -12.34
O21 TZD E . 14.20 1.24 -12.27
O22 TZD E . 13.32 3.30 -13.29
O23 TZD E . 15.69 3.11 -12.77
H2A1 TZD E . 6.75 12.04 -6.85
H2A2 TZD E . 6.05 10.65 -6.57
H2A3 TZD E . 5.22 11.85 -7.24
H4'1 TZD E . 5.86 7.86 -11.51
H4'2 TZD E . 5.68 7.45 -10.00
H6' TZD E . 8.24 11.82 -11.18
H351 TZD E . 6.82 9.27 -12.94
H352 TZD E . 8.09 10.23 -12.94
H4A1 TZD E . 11.60 9.47 -11.74
H4A2 TZD E . 10.25 10.24 -11.34
H4A3 TZD E . 10.76 10.24 -12.86
H5A1 TZD E . 12.31 6.49 -13.22
H5A2 TZD E . 12.51 7.67 -12.15
H5B1 TZD E . 11.84 5.00 -11.51
H5B2 TZD E . 11.90 6.18 -10.42
NA NA F . -7.69 19.70 -3.18
#